data_2XWQ
#
_entry.id   2XWQ
#
_cell.length_a   47.010
_cell.length_b   99.000
_cell.length_c   116.660
_cell.angle_alpha   90.00
_cell.angle_beta   90.00
_cell.angle_gamma   90.00
#
_symmetry.space_group_name_H-M   'P 21 21 21'
#
loop_
_entity.id
_entity.type
_entity.pdbx_description
1 polymer 'SIROHYDROCHLORIN COBALTOCHELATASE'
2 non-polymer 'COBALT SIROHYDROCHLORIN'
3 water water
#
_entity_poly.entity_id   1
_entity_poly.type   'polypeptide(L)'
_entity_poly.pdbx_seq_one_letter_code
;GMRRGLVIVGHGSQLNHYREVMELHRKRIEESGAFDEVKIAFAARKRRPMPDEAIREMNCDIIYVVPLFISYGLHVTEDL
PDLLGFPRGRGIKEGEFEGKKVVICEPIGEDYFVTYAILNSVFRIGRDGKGEE
;
_entity_poly.pdbx_strand_id   A,B,C,D
#
loop_
_chem_comp.id
_chem_comp.type
_chem_comp.name
_chem_comp.formula
SIR non-polymer 'COBALT SIROHYDROCHLORIN' 'C42 H44 Co N4 O16 2'
#
# COMPACT_ATOMS: atom_id res chain seq x y z
N GLY A 1 3.05 10.79 -25.21
CA GLY A 1 3.70 10.56 -23.88
C GLY A 1 5.05 11.23 -23.74
N MET A 2 5.18 12.09 -22.72
CA MET A 2 6.43 12.83 -22.42
C MET A 2 7.53 11.91 -21.82
N ARG A 3 8.81 12.27 -22.01
CA ARG A 3 9.97 11.69 -21.30
C ARG A 3 10.12 12.16 -19.84
N ARG A 4 9.63 11.36 -18.90
CA ARG A 4 9.61 11.64 -17.43
C ARG A 4 10.75 11.02 -16.60
N GLY A 5 11.46 11.83 -15.84
CA GLY A 5 12.39 11.28 -14.84
C GLY A 5 12.09 11.50 -13.35
N LEU A 6 12.67 10.64 -12.53
CA LEU A 6 12.65 10.70 -11.06
C LEU A 6 14.06 10.72 -10.41
N VAL A 7 14.22 11.68 -9.53
CA VAL A 7 15.38 11.78 -8.68
C VAL A 7 14.86 11.66 -7.27
N ILE A 8 15.32 10.63 -6.54
CA ILE A 8 14.92 10.41 -5.15
C ILE A 8 16.01 11.07 -4.32
N VAL A 9 15.66 11.97 -3.39
CA VAL A 9 16.70 12.71 -2.64
C VAL A 9 16.57 12.37 -1.17
N GLY A 10 17.67 11.87 -0.62
CA GLY A 10 17.73 11.29 0.70
C GLY A 10 18.58 12.10 1.68
N HIS A 11 18.69 11.63 2.91
CA HIS A 11 19.59 12.26 3.88
C HIS A 11 21.00 11.62 3.85
N GLY A 12 21.04 10.30 3.87
CA GLY A 12 22.28 9.56 3.96
C GLY A 12 22.61 9.25 5.41
N SER A 13 23.74 8.58 5.60
CA SER A 13 24.22 8.11 6.90
C SER A 13 25.74 7.79 6.80
N GLN A 14 26.40 8.01 7.92
CA GLN A 14 27.71 7.44 8.21
C GLN A 14 27.71 5.90 8.22
N LEU A 15 26.55 5.23 8.39
CA LEU A 15 26.46 3.74 8.23
C LEU A 15 26.05 3.44 6.81
N ASN A 16 26.03 2.18 6.40
CA ASN A 16 25.83 1.83 4.99
C ASN A 16 24.34 1.69 4.59
N HIS A 17 23.47 1.40 5.55
CA HIS A 17 22.09 0.92 5.23
C HIS A 17 21.27 2.00 4.45
N TYR A 18 21.46 3.30 4.72
CA TYR A 18 20.72 4.35 3.97
C TYR A 18 20.96 4.29 2.43
N ARG A 19 22.25 4.24 2.05
CA ARG A 19 22.57 4.13 0.64
C ARG A 19 21.91 2.90 0.03
N GLU A 20 21.96 1.72 0.66
CA GLU A 20 21.30 0.52 0.10
C GLU A 20 19.77 0.68 0.02
N VAL A 21 19.12 1.32 1.00
CA VAL A 21 17.67 1.63 0.94
C VAL A 21 17.41 2.50 -0.31
N MET A 22 18.07 3.67 -0.39
CA MET A 22 17.99 4.48 -1.62
C MET A 22 18.13 3.62 -2.93
N GLU A 23 19.15 2.76 -2.96
CA GLU A 23 19.45 1.93 -4.15
C GLU A 23 18.30 0.98 -4.49
N LEU A 24 17.80 0.30 -3.45
CA LEU A 24 16.62 -0.54 -3.50
C LEU A 24 15.35 0.20 -4.01
N HIS A 25 15.05 1.39 -3.50
CA HIS A 25 13.95 2.20 -4.07
C HIS A 25 14.20 2.56 -5.53
N ARG A 26 15.45 2.85 -5.89
CA ARG A 26 15.75 3.25 -7.28
C ARG A 26 15.49 2.07 -8.23
N LYS A 27 15.94 0.91 -7.80
CA LYS A 27 15.95 -0.31 -8.57
C LYS A 27 14.50 -0.80 -8.75
N ARG A 28 13.75 -0.86 -7.66
CA ARG A 28 12.31 -1.10 -7.73
C ARG A 28 11.56 -0.24 -8.76
N ILE A 29 11.79 1.06 -8.73
CA ILE A 29 11.05 1.96 -9.63
C ILE A 29 11.58 1.87 -11.09
N GLU A 30 12.89 1.73 -11.24
CA GLU A 30 13.47 1.49 -12.57
C GLU A 30 12.84 0.24 -13.26
N GLU A 31 12.80 -0.88 -12.56
CA GLU A 31 12.18 -2.10 -13.11
C GLU A 31 10.67 -2.05 -13.31
N SER A 32 9.99 -1.06 -12.75
CA SER A 32 8.55 -1.06 -12.79
C SER A 32 8.13 -0.50 -14.13
N GLY A 33 9.02 0.35 -14.68
CA GLY A 33 8.80 1.04 -15.97
C GLY A 33 8.02 2.36 -15.88
N ALA A 34 7.65 2.74 -14.66
CA ALA A 34 6.83 3.95 -14.44
C ALA A 34 7.50 5.23 -14.98
N PHE A 35 8.83 5.32 -14.92
CA PHE A 35 9.54 6.49 -15.37
C PHE A 35 10.58 6.11 -16.42
N ASP A 36 10.93 7.03 -17.30
CA ASP A 36 11.95 6.80 -18.29
C ASP A 36 13.33 6.69 -17.66
N GLU A 37 13.55 7.45 -16.56
CA GLU A 37 14.79 7.42 -15.80
C GLU A 37 14.65 7.72 -14.30
N VAL A 38 15.44 7.01 -13.50
CA VAL A 38 15.47 7.11 -12.04
C VAL A 38 16.90 7.21 -11.52
N LYS A 39 17.19 8.21 -10.65
CA LYS A 39 18.53 8.45 -10.11
C LYS A 39 18.39 8.76 -8.61
N ILE A 40 19.48 8.59 -7.87
CA ILE A 40 19.45 8.95 -6.47
C ILE A 40 20.32 10.18 -6.19
N ALA A 41 20.00 10.94 -5.14
CA ALA A 41 20.92 12.00 -4.75
C ALA A 41 20.71 12.32 -3.27
N PHE A 42 21.56 13.18 -2.73
CA PHE A 42 21.65 13.42 -1.29
C PHE A 42 21.58 14.89 -0.96
N ALA A 43 21.11 15.25 0.24
CA ALA A 43 20.89 16.64 0.52
C ALA A 43 21.26 16.96 1.97
N ALA A 44 22.41 16.43 2.37
CA ALA A 44 22.98 16.64 3.68
C ALA A 44 24.50 16.37 3.67
N ARG A 45 25.19 17.20 4.45
CA ARG A 45 26.60 16.99 4.81
C ARG A 45 27.52 16.73 3.64
N LYS A 46 27.33 17.51 2.57
CA LYS A 46 28.09 17.37 1.34
C LYS A 46 28.04 15.99 0.67
N ARG A 47 27.08 15.13 1.04
CA ARG A 47 26.94 13.79 0.38
C ARG A 47 26.75 13.78 -1.16
N ARG A 48 27.23 12.74 -1.84
CA ARG A 48 27.15 12.66 -3.31
C ARG A 48 26.45 11.38 -3.77
N PRO A 49 25.78 11.43 -4.92
CA PRO A 49 25.66 12.61 -5.77
C PRO A 49 24.76 13.68 -5.18
N MET A 50 25.04 14.92 -5.52
CA MET A 50 24.09 15.99 -5.26
C MET A 50 22.99 16.09 -6.32
N PRO A 51 21.88 16.76 -6.00
CA PRO A 51 20.75 16.77 -6.93
C PRO A 51 21.09 17.35 -8.28
N ASP A 52 21.95 18.37 -8.29
CA ASP A 52 22.32 19.04 -9.54
C ASP A 52 23.02 18.07 -10.51
N GLU A 53 23.87 17.18 -9.96
CA GLU A 53 24.62 16.19 -10.76
C GLU A 53 23.72 15.04 -11.26
N ALA A 54 22.79 14.60 -10.42
CA ALA A 54 21.83 13.60 -10.86
C ALA A 54 20.96 14.08 -12.03
N ILE A 55 20.33 15.24 -11.89
CA ILE A 55 19.61 15.94 -12.94
C ILE A 55 20.47 16.12 -14.24
N ARG A 56 21.67 16.69 -14.14
CA ARG A 56 22.54 16.82 -15.34
C ARG A 56 22.81 15.49 -16.08
N GLU A 57 22.77 14.38 -15.35
CA GLU A 57 22.91 13.10 -16.00
C GLU A 57 21.63 12.67 -16.72
N MET A 58 20.51 13.36 -16.49
CA MET A 58 19.25 12.93 -17.07
C MET A 58 18.79 13.58 -18.38
N ASN A 59 18.23 12.71 -19.24
CA ASN A 59 17.79 12.96 -20.60
C ASN A 59 16.26 12.97 -20.50
N CYS A 60 15.66 13.96 -19.79
CA CYS A 60 14.18 14.04 -19.66
C CYS A 60 13.51 15.43 -19.87
N ASP A 61 12.24 15.46 -20.30
CA ASP A 61 11.42 16.71 -20.37
C ASP A 61 11.24 17.29 -18.96
N ILE A 62 10.63 16.46 -18.12
CA ILE A 62 10.29 16.82 -16.77
C ILE A 62 11.07 15.88 -15.84
N ILE A 63 11.64 16.45 -14.79
CA ILE A 63 12.21 15.67 -13.71
C ILE A 63 11.48 16.02 -12.39
N TYR A 64 10.89 15.00 -11.77
CA TYR A 64 10.28 15.10 -10.44
C TYR A 64 11.35 14.70 -9.45
N VAL A 65 11.63 15.62 -8.52
CA VAL A 65 12.61 15.42 -7.50
C VAL A 65 11.82 15.08 -6.22
N VAL A 66 11.95 13.85 -5.70
CA VAL A 66 11.11 13.49 -4.52
C VAL A 66 11.90 13.43 -3.24
N PRO A 67 11.56 14.29 -2.23
CA PRO A 67 12.28 14.21 -0.95
C PRO A 67 11.90 12.98 -0.11
N LEU A 68 12.87 12.07 0.06
CA LEU A 68 12.73 10.91 0.99
C LEU A 68 12.91 11.35 2.46
N PHE A 69 11.94 12.09 3.00
CA PHE A 69 12.11 12.74 4.31
C PHE A 69 10.69 12.74 4.87
N ILE A 70 10.56 12.83 6.18
CA ILE A 70 9.27 12.71 6.88
C ILE A 70 8.58 14.03 6.76
N SER A 71 9.35 15.12 6.83
CA SER A 71 8.75 16.43 6.94
C SER A 71 9.41 17.49 6.12
N TYR A 72 8.77 18.64 6.16
CA TYR A 72 9.34 19.86 5.62
C TYR A 72 10.22 20.39 6.75
N GLY A 73 11.44 19.83 6.85
CA GLY A 73 12.40 20.33 7.84
C GLY A 73 13.46 21.19 7.18
N LEU A 74 14.63 21.28 7.84
CA LEU A 74 15.70 22.14 7.37
C LEU A 74 16.24 21.54 6.10
N HIS A 75 16.39 20.23 6.07
CA HIS A 75 16.91 19.57 4.83
C HIS A 75 16.00 19.78 3.61
N VAL A 76 14.66 19.74 3.81
CA VAL A 76 13.73 19.89 2.73
C VAL A 76 13.50 21.35 2.31
N THR A 77 13.39 22.25 3.31
CA THR A 77 13.20 23.62 3.01
C THR A 77 14.44 24.48 2.82
N GLU A 78 15.60 24.02 3.27
CA GLU A 78 16.87 24.76 3.01
C GLU A 78 17.82 23.98 2.03
N ASP A 79 18.35 22.87 2.48
CA ASP A 79 19.44 22.19 1.77
C ASP A 79 19.02 21.88 0.37
N LEU A 80 17.86 21.26 0.22
CA LEU A 80 17.46 20.73 -1.10
C LEU A 80 17.22 21.89 -2.06
N PRO A 81 16.39 22.87 -1.64
CA PRO A 81 16.35 23.95 -2.64
C PRO A 81 17.64 24.77 -2.87
N ASP A 82 18.47 25.02 -1.85
CA ASP A 82 19.77 25.67 -2.07
C ASP A 82 20.61 24.89 -3.14
N LEU A 83 20.67 23.59 -3.02
CA LEU A 83 21.45 22.76 -3.95
C LEU A 83 20.90 22.82 -5.32
N LEU A 84 19.65 23.29 -5.46
CA LEU A 84 19.13 23.44 -6.79
C LEU A 84 19.07 24.88 -7.31
N GLY A 85 19.52 25.85 -6.50
CA GLY A 85 19.28 27.26 -6.75
C GLY A 85 17.80 27.67 -6.77
N PHE A 86 16.91 26.88 -6.15
CA PHE A 86 15.50 27.27 -5.97
C PHE A 86 15.27 27.99 -4.63
N PRO A 87 14.30 28.94 -4.55
CA PRO A 87 14.04 29.59 -3.22
C PRO A 87 13.59 28.64 -2.09
N ARG A 88 13.94 29.03 -0.87
CA ARG A 88 13.67 28.25 0.32
C ARG A 88 12.20 28.27 0.71
N GLY A 89 11.79 27.32 1.52
CA GLY A 89 10.48 27.32 2.11
C GLY A 89 9.73 26.02 1.93
N ARG A 90 8.47 26.07 2.34
CA ARG A 90 7.53 24.98 2.25
C ARG A 90 6.98 24.80 0.84
N GLY A 91 6.27 23.71 0.61
CA GLY A 91 5.47 23.51 -0.57
C GLY A 91 6.22 22.97 -1.77
N ILE A 92 5.47 22.43 -2.74
CA ILE A 92 6.00 22.11 -4.04
C ILE A 92 6.68 23.31 -4.79
N LYS A 93 7.65 23.02 -5.66
CA LYS A 93 8.41 24.04 -6.35
C LYS A 93 8.71 23.63 -7.79
N GLU A 94 8.25 24.41 -8.76
CA GLU A 94 8.41 24.01 -10.13
C GLU A 94 9.12 25.10 -10.87
N GLY A 95 10.18 24.72 -11.58
CA GLY A 95 10.86 25.67 -12.40
C GLY A 95 11.76 24.89 -13.31
N GLU A 96 12.83 25.56 -13.68
CA GLU A 96 13.80 24.93 -14.54
C GLU A 96 15.17 24.99 -13.91
N PHE A 97 15.96 23.99 -14.23
CA PHE A 97 17.32 23.89 -13.79
C PHE A 97 18.14 23.61 -15.04
N GLU A 98 19.06 24.53 -15.34
CA GLU A 98 19.80 24.52 -16.59
C GLU A 98 18.99 24.00 -17.77
N GLY A 99 17.80 24.57 -17.99
CA GLY A 99 17.03 24.26 -19.18
C GLY A 99 16.04 23.11 -19.08
N LYS A 100 16.17 22.22 -18.10
CA LYS A 100 15.16 21.13 -17.92
C LYS A 100 14.11 21.55 -16.90
N LYS A 101 12.86 21.14 -17.10
CA LYS A 101 11.76 21.31 -16.13
C LYS A 101 11.96 20.35 -14.93
N VAL A 102 11.95 20.91 -13.71
CA VAL A 102 12.23 20.21 -12.46
C VAL A 102 11.06 20.49 -11.48
N VAL A 103 10.44 19.46 -10.90
CA VAL A 103 9.36 19.72 -9.91
C VAL A 103 9.90 19.11 -8.62
N ILE A 104 10.22 19.94 -7.62
CA ILE A 104 10.43 19.46 -6.27
C ILE A 104 9.08 19.12 -5.65
N CYS A 105 8.87 17.81 -5.45
CA CYS A 105 7.58 17.31 -4.95
C CYS A 105 7.56 17.40 -3.43
N GLU A 106 6.41 17.08 -2.83
CA GLU A 106 6.28 17.04 -1.38
C GLU A 106 7.06 15.85 -0.81
N PRO A 107 7.70 16.02 0.38
CA PRO A 107 8.31 14.90 1.17
C PRO A 107 7.21 13.87 1.45
N ILE A 108 7.58 12.60 1.67
CA ILE A 108 6.62 11.50 1.73
C ILE A 108 5.85 11.41 3.01
N GLY A 109 6.28 12.20 3.99
CA GLY A 109 5.86 12.03 5.39
C GLY A 109 4.39 11.85 5.63
N GLU A 110 3.59 12.66 5.01
CA GLU A 110 2.13 12.75 5.35
C GLU A 110 1.39 11.69 4.55
N ASP A 111 2.06 11.10 3.53
CA ASP A 111 1.30 10.07 2.73
C ASP A 111 0.61 8.98 3.58
N TYR A 112 -0.60 8.51 3.22
CA TYR A 112 -1.13 7.28 3.86
C TYR A 112 -0.18 6.09 3.70
N PHE A 113 0.57 6.02 2.63
CA PHE A 113 1.59 4.93 2.57
C PHE A 113 2.57 4.91 3.76
N VAL A 114 2.94 6.10 4.28
CA VAL A 114 3.76 6.07 5.49
C VAL A 114 2.98 5.55 6.69
N THR A 115 1.72 5.91 6.84
CA THR A 115 0.95 5.33 7.96
C THR A 115 0.97 3.76 7.80
N TYR A 116 0.75 3.29 6.59
CA TYR A 116 0.74 1.80 6.39
C TYR A 116 2.09 1.18 6.60
N ALA A 117 3.17 1.91 6.23
CA ALA A 117 4.53 1.40 6.49
C ALA A 117 4.79 1.27 7.96
N ILE A 118 4.30 2.23 8.74
CA ILE A 118 4.35 2.09 10.18
C ILE A 118 3.60 0.83 10.68
N LEU A 119 2.42 0.58 10.10
CA LEU A 119 1.64 -0.58 10.51
C LEU A 119 2.39 -1.85 10.16
N ASN A 120 3.01 -1.85 8.97
CA ASN A 120 3.75 -3.07 8.51
C ASN A 120 5.13 -3.37 9.15
N SER A 121 5.73 -2.40 9.89
CA SER A 121 6.92 -2.65 10.71
C SER A 121 6.49 -3.56 11.88
N VAL A 122 5.25 -3.39 12.32
CA VAL A 122 4.66 -4.32 13.25
C VAL A 122 4.14 -5.59 12.53
N PHE A 123 3.37 -5.46 11.45
CA PHE A 123 2.60 -6.64 10.99
C PHE A 123 3.49 -7.53 10.14
N ARG A 124 4.44 -6.91 9.43
CA ARG A 124 5.52 -7.55 8.66
C ARG A 124 5.01 -8.42 7.52
N ILE A 125 3.92 -8.00 6.89
CA ILE A 125 3.41 -8.61 5.66
C ILE A 125 4.40 -8.27 4.51
N GLY A 126 4.92 -9.29 3.84
CA GLY A 126 5.89 -9.10 2.78
C GLY A 126 7.27 -8.79 3.30
N MET B 2 -6.48 -9.27 23.69
CA MET B 2 -5.25 -8.66 24.34
C MET B 2 -5.13 -7.16 24.07
N ARG B 3 -4.32 -6.49 24.89
CA ARG B 3 -4.00 -5.06 24.75
C ARG B 3 -2.62 -4.85 24.12
N ARG B 4 -2.60 -4.32 22.89
CA ARG B 4 -1.35 -4.15 22.14
C ARG B 4 -1.10 -2.67 21.96
N GLY B 5 0.13 -2.27 22.26
CA GLY B 5 0.50 -0.87 22.17
C GLY B 5 1.38 -0.58 20.97
N LEU B 6 1.25 0.63 20.47
CA LEU B 6 2.23 1.25 19.54
C LEU B 6 2.78 2.56 20.04
N VAL B 7 4.12 2.64 20.00
CA VAL B 7 4.85 3.90 20.12
C VAL B 7 5.58 4.18 18.80
N ILE B 8 5.27 5.36 18.21
CA ILE B 8 5.92 5.89 17.05
C ILE B 8 7.06 6.76 17.50
N VAL B 9 8.28 6.41 17.07
CA VAL B 9 9.45 7.16 17.54
C VAL B 9 10.01 7.86 16.38
N GLY B 10 10.03 9.19 16.51
CA GLY B 10 10.55 10.00 15.39
C GLY B 10 11.87 10.69 15.59
N HIS B 11 12.27 11.49 14.64
CA HIS B 11 13.48 12.33 14.79
C HIS B 11 13.15 13.72 15.39
N GLY B 12 12.05 14.29 14.95
CA GLY B 12 11.70 15.70 15.24
C GLY B 12 12.49 16.66 14.36
N SER B 13 12.18 17.93 14.54
CA SER B 13 12.76 18.95 13.72
C SER B 13 12.59 20.23 14.45
N GLN B 14 13.51 21.14 14.19
CA GLN B 14 13.29 22.56 14.46
C GLN B 14 12.00 23.21 13.92
N LEU B 15 11.60 22.81 12.74
CA LEU B 15 10.35 23.25 12.13
C LEU B 15 9.23 22.33 12.63
N ASN B 16 8.06 22.93 12.84
CA ASN B 16 6.87 22.26 13.38
C ASN B 16 6.31 21.10 12.52
N HIS B 17 6.53 21.12 11.20
CA HIS B 17 5.82 20.14 10.34
C HIS B 17 6.09 18.72 10.88
N TYR B 18 7.30 18.47 11.38
CA TYR B 18 7.63 17.06 11.75
C TYR B 18 6.72 16.50 12.85
N ARG B 19 6.61 17.24 13.95
CA ARG B 19 5.72 16.82 14.99
C ARG B 19 4.29 16.70 14.46
N GLU B 20 3.92 17.59 13.57
CA GLU B 20 2.59 17.57 13.10
C GLU B 20 2.34 16.27 12.31
N VAL B 21 3.36 15.77 11.59
CA VAL B 21 3.23 14.56 10.79
C VAL B 21 3.08 13.39 11.73
N MET B 22 3.84 13.37 12.83
CA MET B 22 3.73 12.27 13.81
C MET B 22 2.36 12.18 14.44
N GLU B 23 1.78 13.33 14.74
CA GLU B 23 0.48 13.39 15.26
C GLU B 23 -0.54 12.91 14.26
N LEU B 24 -0.37 13.25 13.00
CA LEU B 24 -1.24 12.70 11.95
C LEU B 24 -1.28 11.14 11.92
N HIS B 25 -0.12 10.50 12.00
CA HIS B 25 -0.11 9.02 11.96
C HIS B 25 -0.68 8.43 13.27
N ARG B 26 -0.43 9.14 14.37
CA ARG B 26 -0.94 8.75 15.67
C ARG B 26 -2.46 8.65 15.62
N LYS B 27 -3.06 9.73 15.12
CA LYS B 27 -4.49 9.90 15.10
C LYS B 27 -5.11 8.87 14.11
N ARG B 28 -4.53 8.79 12.92
CA ARG B 28 -5.01 7.81 11.92
C ARG B 28 -4.95 6.44 12.54
N ILE B 29 -3.85 6.11 13.18
CA ILE B 29 -3.71 4.68 13.69
C ILE B 29 -4.64 4.39 14.93
N GLU B 30 -4.67 5.36 15.88
CA GLU B 30 -5.60 5.28 16.99
C GLU B 30 -7.08 5.11 16.59
N GLU B 31 -7.57 5.94 15.69
CA GLU B 31 -8.94 5.85 15.21
C GLU B 31 -9.27 4.53 14.41
N SER B 32 -8.26 3.86 13.86
CA SER B 32 -8.42 2.55 13.16
C SER B 32 -8.74 1.42 14.10
N GLY B 33 -8.31 1.60 15.35
CA GLY B 33 -8.47 0.56 16.32
C GLY B 33 -7.53 -0.60 16.25
N ALA B 34 -6.53 -0.60 15.33
CA ALA B 34 -5.61 -1.77 15.24
C ALA B 34 -4.76 -2.05 16.51
N PHE B 35 -4.60 -1.01 17.33
CA PHE B 35 -3.87 -1.13 18.58
C PHE B 35 -4.77 -0.52 19.63
N ASP B 36 -4.55 -0.83 20.90
CA ASP B 36 -5.39 -0.33 21.97
C ASP B 36 -4.91 1.03 22.45
N GLU B 37 -3.63 1.31 22.21
CA GLU B 37 -3.01 2.55 22.69
C GLU B 37 -1.92 2.99 21.68
N VAL B 38 -1.90 4.27 21.34
CA VAL B 38 -0.93 4.78 20.39
C VAL B 38 -0.36 6.10 20.92
N LYS B 39 0.97 6.18 20.98
CA LYS B 39 1.70 7.29 21.49
C LYS B 39 2.89 7.60 20.54
N ILE B 40 3.46 8.80 20.71
CA ILE B 40 4.66 9.17 19.93
C ILE B 40 5.80 9.49 20.92
N ALA B 41 7.04 9.40 20.43
CA ALA B 41 8.22 9.65 21.24
C ALA B 41 9.31 10.05 20.25
N PHE B 42 10.45 10.49 20.79
CA PHE B 42 11.51 11.04 19.94
C PHE B 42 12.84 10.43 20.31
N ALA B 43 13.71 10.26 19.32
CA ALA B 43 15.02 9.65 19.55
C ALA B 43 16.16 10.50 18.98
N ALA B 44 16.14 11.79 19.25
CA ALA B 44 17.23 12.71 18.80
C ALA B 44 17.16 13.99 19.58
N ARG B 45 18.33 14.58 19.85
CA ARG B 45 18.39 15.95 20.36
C ARG B 45 17.74 16.17 21.69
N LYS B 46 17.65 15.12 22.49
CA LYS B 46 16.93 15.22 23.77
C LYS B 46 15.43 15.57 23.65
N ARG B 47 14.85 15.47 22.45
CA ARG B 47 13.38 15.72 22.28
C ARG B 47 12.45 14.88 23.18
N ARG B 48 11.34 15.45 23.60
CA ARG B 48 10.40 14.80 24.51
C ARG B 48 9.04 14.70 23.85
N PRO B 49 8.26 13.63 24.17
CA PRO B 49 8.63 12.55 25.08
C PRO B 49 9.72 11.66 24.51
N MET B 50 10.53 11.12 25.41
CA MET B 50 11.47 10.02 25.10
C MET B 50 10.73 8.70 25.14
N PRO B 51 11.23 7.68 24.45
CA PRO B 51 10.46 6.40 24.43
C PRO B 51 10.00 5.87 25.77
N ASP B 52 10.91 5.87 26.77
CA ASP B 52 10.59 5.43 28.16
C ASP B 52 9.36 6.15 28.73
N GLU B 53 9.16 7.45 28.42
CA GLU B 53 8.00 8.22 28.96
C GLU B 53 6.69 7.79 28.32
N ALA B 54 6.72 7.54 27.01
CA ALA B 54 5.50 6.96 26.35
C ALA B 54 5.13 5.57 26.91
N ILE B 55 6.12 4.67 27.00
CA ILE B 55 5.93 3.32 27.53
C ILE B 55 5.39 3.24 28.96
N ARG B 56 5.98 4.01 29.87
CA ARG B 56 5.54 4.11 31.26
C ARG B 56 4.10 4.55 31.43
N GLU B 57 3.57 5.35 30.51
CA GLU B 57 2.18 5.79 30.55
C GLU B 57 1.19 4.75 30.05
N MET B 58 1.68 3.76 29.28
CA MET B 58 0.80 2.78 28.62
C MET B 58 0.62 1.53 29.45
N ASN B 59 -0.63 1.08 29.56
CA ASN B 59 -0.97 -0.15 30.25
C ASN B 59 -1.26 -1.31 29.29
N CYS B 60 -0.23 -1.78 28.59
CA CYS B 60 -0.40 -2.83 27.58
C CYS B 60 0.40 -4.12 27.88
N ASP B 61 -0.07 -5.24 27.35
CA ASP B 61 0.58 -6.55 27.50
C ASP B 61 1.74 -6.73 26.51
N ILE B 62 1.68 -6.00 25.39
CA ILE B 62 2.85 -5.92 24.49
C ILE B 62 2.86 -4.55 23.82
N ILE B 63 4.02 -3.93 23.75
CA ILE B 63 4.13 -2.62 23.16
C ILE B 63 5.14 -2.72 22.03
N TYR B 64 4.74 -2.29 20.83
CA TYR B 64 5.67 -2.20 19.63
C TYR B 64 6.18 -0.78 19.45
N VAL B 65 7.49 -0.62 19.29
CA VAL B 65 8.09 0.64 19.08
C VAL B 65 8.55 0.63 17.63
N VAL B 66 8.04 1.57 16.82
CA VAL B 66 8.36 1.67 15.42
C VAL B 66 9.22 2.89 15.19
N PRO B 67 10.42 2.66 14.62
CA PRO B 67 11.26 3.80 14.23
C PRO B 67 10.77 4.38 12.95
N LEU B 68 10.28 5.62 13.06
CA LEU B 68 9.91 6.43 11.90
C LEU B 68 11.23 7.02 11.35
N PHE B 69 11.99 6.20 10.62
CA PHE B 69 13.33 6.55 10.20
C PHE B 69 13.42 5.70 9.00
N ILE B 70 14.21 6.14 8.04
CA ILE B 70 14.49 5.41 6.76
C ILE B 70 15.44 4.20 6.95
N SER B 71 16.49 4.35 7.74
CA SER B 71 17.56 3.35 7.63
C SER B 71 18.07 2.90 9.02
N TYR B 72 18.85 1.83 8.98
CA TYR B 72 19.67 1.50 10.17
C TYR B 72 20.89 2.43 10.27
N GLY B 73 20.66 3.65 10.75
CA GLY B 73 21.77 4.54 11.04
C GLY B 73 22.07 4.71 12.51
N LEU B 74 22.78 5.76 12.83
CA LEU B 74 23.09 6.07 14.19
C LEU B 74 21.81 6.22 15.07
N HIS B 75 20.82 6.99 14.63
CA HIS B 75 19.59 7.15 15.46
C HIS B 75 18.95 5.79 15.74
N VAL B 76 18.87 4.90 14.76
CA VAL B 76 18.15 3.62 14.96
C VAL B 76 18.98 2.51 15.68
N THR B 77 20.22 2.28 15.24
CA THR B 77 21.08 1.33 15.87
C THR B 77 21.77 1.82 17.16
N GLU B 78 21.83 3.12 17.44
CA GLU B 78 22.43 3.50 18.75
C GLU B 78 21.46 4.35 19.62
N ASP B 79 21.04 5.51 19.12
CA ASP B 79 20.28 6.45 19.97
C ASP B 79 19.00 5.81 20.55
N LEU B 80 18.20 5.18 19.69
CA LEU B 80 16.98 4.54 20.15
C LEU B 80 17.18 3.36 21.14
N PRO B 81 18.00 2.33 20.81
CA PRO B 81 18.26 1.30 21.81
C PRO B 81 18.79 1.86 23.15
N ASP B 82 19.74 2.80 23.11
CA ASP B 82 20.32 3.36 24.34
C ASP B 82 19.24 3.96 25.15
N LEU B 83 18.29 4.64 24.49
CA LEU B 83 17.21 5.28 25.20
C LEU B 83 16.33 4.30 25.93
N LEU B 84 16.30 3.04 25.44
CA LEU B 84 15.45 2.01 26.09
C LEU B 84 16.25 1.02 26.94
N GLY B 85 17.59 1.14 26.83
CA GLY B 85 18.48 0.18 27.48
C GLY B 85 18.47 -1.16 26.73
N PHE B 86 18.35 -1.10 25.40
CA PHE B 86 18.10 -2.28 24.59
C PHE B 86 19.40 -2.43 23.83
N PRO B 87 19.67 -3.61 23.28
CA PRO B 87 20.90 -3.88 22.49
C PRO B 87 21.04 -2.99 21.24
N ARG B 88 22.28 -2.70 20.84
CA ARG B 88 22.59 -1.81 19.75
C ARG B 88 22.75 -2.66 18.50
N GLY B 89 22.69 -1.99 17.33
CA GLY B 89 22.90 -2.65 16.05
C GLY B 89 21.59 -2.77 15.31
N ARG B 90 21.53 -3.68 14.34
CA ARG B 90 20.29 -3.79 13.55
C ARG B 90 19.29 -4.85 14.07
N GLY B 91 18.18 -4.99 13.38
CA GLY B 91 17.26 -6.12 13.59
C GLY B 91 16.17 -5.69 14.53
N ILE B 92 15.08 -6.43 14.53
CA ILE B 92 14.06 -6.38 15.56
C ILE B 92 14.67 -6.80 16.92
N LYS B 93 14.21 -6.17 17.99
CA LYS B 93 14.70 -6.40 19.33
C LYS B 93 13.48 -6.59 20.23
N GLU B 94 13.29 -7.80 20.77
CA GLU B 94 12.27 -8.17 21.77
C GLU B 94 12.96 -8.06 23.11
N GLY B 95 12.35 -7.32 24.07
CA GLY B 95 12.95 -7.00 25.40
C GLY B 95 11.89 -6.79 26.49
N GLU B 96 12.31 -6.49 27.71
CA GLU B 96 11.34 -6.18 28.78
C GLU B 96 11.71 -4.87 29.40
N PHE B 97 10.72 -4.09 29.77
CA PHE B 97 10.99 -2.75 30.18
C PHE B 97 10.05 -2.45 31.31
N GLU B 98 10.65 -2.26 32.49
CA GLU B 98 9.91 -2.26 33.75
C GLU B 98 8.80 -3.29 33.72
N GLY B 99 9.18 -4.53 33.44
CA GLY B 99 8.28 -5.67 33.41
C GLY B 99 7.21 -5.70 32.33
N LYS B 100 7.26 -4.79 31.33
CA LYS B 100 6.33 -4.89 30.21
C LYS B 100 7.07 -5.59 29.07
N LYS B 101 6.37 -6.27 28.16
CA LYS B 101 7.06 -6.77 26.96
C LYS B 101 7.11 -5.65 25.87
N VAL B 102 8.31 -5.34 25.35
CA VAL B 102 8.58 -4.27 24.39
C VAL B 102 9.42 -4.85 23.24
N VAL B 103 8.99 -4.58 22.01
CA VAL B 103 9.68 -5.02 20.83
C VAL B 103 9.95 -3.80 19.98
N ILE B 104 11.21 -3.45 19.79
CA ILE B 104 11.52 -2.44 18.79
C ILE B 104 11.47 -3.11 17.39
N CYS B 105 10.71 -2.52 16.46
CA CYS B 105 10.60 -3.02 15.11
C CYS B 105 11.70 -2.48 14.21
N GLU B 106 11.79 -3.02 12.98
CA GLU B 106 12.67 -2.43 12.00
C GLU B 106 12.26 -1.05 11.54
N PRO B 107 13.25 -0.21 11.13
CA PRO B 107 12.93 1.04 10.45
C PRO B 107 12.06 0.84 9.20
N ILE B 108 11.30 1.86 8.82
CA ILE B 108 10.33 1.71 7.69
C ILE B 108 10.95 1.66 6.29
N GLY B 109 12.24 2.04 6.22
CA GLY B 109 12.85 2.46 4.97
C GLY B 109 12.73 1.48 3.83
N GLU B 110 12.84 0.20 4.13
CA GLU B 110 12.94 -0.84 3.09
C GLU B 110 11.56 -1.26 2.59
N ASP B 111 10.52 -0.83 3.28
CA ASP B 111 9.17 -1.34 3.03
C ASP B 111 8.72 -0.99 1.62
N TYR B 112 7.96 -1.88 0.95
CA TYR B 112 7.36 -1.49 -0.34
C TYR B 112 6.42 -0.31 -0.22
N PHE B 113 5.83 -0.09 0.96
CA PHE B 113 4.95 1.07 1.09
C PHE B 113 5.74 2.37 0.96
N VAL B 114 7.01 2.36 1.29
CA VAL B 114 7.76 3.62 1.13
C VAL B 114 8.17 3.81 -0.35
N THR B 115 8.47 2.69 -1.03
CA THR B 115 8.59 2.79 -2.53
C THR B 115 7.34 3.48 -3.15
N TYR B 116 6.17 3.05 -2.69
CA TYR B 116 4.91 3.61 -3.12
C TYR B 116 4.69 5.00 -2.69
N ALA B 117 5.14 5.35 -1.48
CA ALA B 117 5.04 6.76 -1.11
C ALA B 117 5.89 7.65 -2.03
N ILE B 118 7.04 7.12 -2.42
CA ILE B 118 7.86 7.89 -3.36
C ILE B 118 7.10 8.12 -4.67
N LEU B 119 6.56 7.02 -5.23
CA LEU B 119 5.78 7.08 -6.46
C LEU B 119 4.62 8.05 -6.27
N ASN B 120 3.98 7.94 -5.12
CA ASN B 120 2.75 8.77 -4.94
C ASN B 120 3.05 10.24 -4.64
N SER B 121 4.33 10.58 -4.43
CA SER B 121 4.71 12.00 -4.30
C SER B 121 4.66 12.65 -5.71
N VAL B 122 4.83 11.83 -6.73
CA VAL B 122 4.49 12.25 -8.08
C VAL B 122 2.99 12.07 -8.39
N PHE B 123 2.39 10.93 -8.10
CA PHE B 123 1.11 10.60 -8.73
C PHE B 123 -0.07 11.24 -7.99
N ARG B 124 0.07 11.43 -6.68
CA ARG B 124 -0.81 12.26 -5.88
C ARG B 124 -2.22 11.63 -5.78
N ILE B 125 -2.28 10.31 -5.87
CA ILE B 125 -3.49 9.56 -5.73
C ILE B 125 -3.94 9.53 -4.27
N GLY B 126 -5.17 9.96 -4.03
CA GLY B 126 -5.59 10.33 -2.67
C GLY B 126 -4.85 11.60 -2.27
N GLY C 1 10.17 7.76 -24.08
CA GLY C 1 9.03 8.25 -23.24
C GLY C 1 7.72 7.64 -23.70
N MET C 2 7.52 6.37 -23.31
CA MET C 2 6.54 5.48 -23.93
C MET C 2 5.11 6.01 -23.91
N ARG C 3 4.36 5.73 -24.98
CA ARG C 3 2.90 5.85 -24.95
C ARG C 3 2.33 4.59 -24.31
N ARG C 4 2.04 4.66 -23.01
CA ARG C 4 1.45 3.52 -22.30
C ARG C 4 -0.02 3.76 -22.02
N GLY C 5 -0.84 2.79 -22.38
CA GLY C 5 -2.26 2.78 -22.05
C GLY C 5 -2.55 1.63 -21.11
N LEU C 6 -3.62 1.75 -20.33
CA LEU C 6 -4.01 0.70 -19.40
C LEU C 6 -5.47 0.32 -19.65
N VAL C 7 -5.74 -0.97 -19.81
CA VAL C 7 -7.14 -1.40 -19.81
C VAL C 7 -7.42 -2.21 -18.56
N ILE C 8 -8.38 -1.73 -17.77
CA ILE C 8 -8.84 -2.48 -16.59
C ILE C 8 -9.98 -3.46 -16.88
N VAL C 9 -9.80 -4.74 -16.61
CA VAL C 9 -10.82 -5.74 -17.00
C VAL C 9 -11.49 -6.42 -15.82
N GLY C 10 -12.78 -6.16 -15.65
CA GLY C 10 -13.49 -6.75 -14.51
C GLY C 10 -14.64 -7.70 -14.81
N HIS C 11 -15.19 -8.26 -13.75
CA HIS C 11 -16.30 -9.19 -13.84
C HIS C 11 -17.67 -8.54 -14.03
N GLY C 12 -18.22 -7.96 -12.95
CA GLY C 12 -19.68 -8.06 -12.67
C GLY C 12 -20.19 -6.78 -13.17
N SER C 13 -21.46 -6.44 -12.94
CA SER C 13 -22.48 -7.25 -12.28
C SER C 13 -23.86 -6.71 -12.72
N GLN C 14 -24.95 -7.36 -12.29
CA GLN C 14 -26.31 -6.89 -12.59
C GLN C 14 -26.73 -5.68 -11.78
N LEU C 15 -26.15 -5.50 -10.60
CA LEU C 15 -26.34 -4.25 -9.88
C LEU C 15 -25.32 -3.23 -10.36
N ASN C 16 -25.56 -1.99 -10.01
CA ASN C 16 -24.90 -0.84 -10.57
C ASN C 16 -23.50 -0.65 -9.99
N HIS C 17 -23.28 -1.17 -8.78
CA HIS C 17 -22.07 -0.82 -8.06
C HIS C 17 -20.76 -1.21 -8.77
N TYR C 18 -20.71 -2.40 -9.37
CA TYR C 18 -19.44 -2.88 -9.93
C TYR C 18 -18.82 -1.90 -10.94
N ARG C 19 -19.65 -1.47 -11.90
CA ARG C 19 -19.24 -0.50 -12.87
C ARG C 19 -18.75 0.80 -12.27
N GLU C 20 -19.47 1.30 -11.26
CA GLU C 20 -19.09 2.51 -10.60
C GLU C 20 -17.71 2.39 -9.92
N VAL C 21 -17.43 1.24 -9.33
CA VAL C 21 -16.11 0.93 -8.80
C VAL C 21 -15.04 0.98 -9.89
N MET C 22 -15.32 0.36 -11.03
CA MET C 22 -14.40 0.39 -12.17
C MET C 22 -14.11 1.80 -12.70
N GLU C 23 -15.17 2.62 -12.78
CA GLU C 23 -15.01 3.98 -13.18
C GLU C 23 -14.22 4.79 -12.13
N LEU C 24 -14.32 4.40 -10.86
CA LEU C 24 -13.58 5.06 -9.82
C LEU C 24 -12.05 4.86 -10.01
N HIS C 25 -11.65 3.60 -10.20
CA HIS C 25 -10.26 3.27 -10.41
C HIS C 25 -9.68 3.95 -11.66
N ARG C 26 -10.39 3.87 -12.80
CA ARG C 26 -10.00 4.65 -14.00
C ARG C 26 -9.80 6.17 -13.74
N LYS C 27 -10.79 6.78 -13.07
CA LYS C 27 -10.70 8.17 -12.59
C LYS C 27 -9.39 8.50 -11.82
N ARG C 28 -9.13 7.76 -10.74
CA ARG C 28 -7.93 7.92 -9.95
C ARG C 28 -6.66 7.69 -10.80
N ILE C 29 -6.60 6.60 -11.56
CA ILE C 29 -5.42 6.35 -12.42
C ILE C 29 -5.17 7.40 -13.53
N GLU C 30 -6.24 7.85 -14.19
CA GLU C 30 -6.06 8.74 -15.33
C GLU C 30 -5.61 10.10 -14.80
N GLU C 31 -6.20 10.52 -13.70
CA GLU C 31 -5.79 11.75 -13.02
C GLU C 31 -4.35 11.72 -12.46
N SER C 32 -3.83 10.53 -12.19
CA SER C 32 -2.49 10.37 -11.62
C SER C 32 -1.43 10.74 -12.64
N GLY C 33 -1.84 10.65 -13.93
CA GLY C 33 -0.95 10.82 -15.12
C GLY C 33 0.06 9.70 -15.26
N ALA C 34 -0.08 8.68 -14.42
CA ALA C 34 0.68 7.43 -14.51
C ALA C 34 0.73 6.79 -15.90
N PHE C 35 -0.40 6.75 -16.58
CA PHE C 35 -0.48 6.35 -18.00
C PHE C 35 -1.07 7.44 -18.85
N ASP C 36 -0.96 7.27 -20.14
CA ASP C 36 -1.37 8.27 -21.09
C ASP C 36 -2.86 8.14 -21.36
N GLU C 37 -3.43 6.96 -21.02
CA GLU C 37 -4.81 6.61 -21.36
C GLU C 37 -5.30 5.41 -20.54
N VAL C 38 -6.51 5.51 -20.01
CA VAL C 38 -7.05 4.44 -19.18
C VAL C 38 -8.53 4.20 -19.50
N LYS C 39 -8.87 2.91 -19.66
CA LYS C 39 -10.20 2.49 -20.05
C LYS C 39 -10.60 1.22 -19.29
N ILE C 40 -11.91 0.96 -19.24
CA ILE C 40 -12.46 -0.17 -18.54
C ILE C 40 -13.07 -1.10 -19.58
N ALA C 41 -13.11 -2.39 -19.28
CA ALA C 41 -13.73 -3.41 -20.14
C ALA C 41 -14.16 -4.52 -19.23
N PHE C 42 -14.97 -5.46 -19.73
CA PHE C 42 -15.53 -6.55 -18.91
C PHE C 42 -15.32 -7.91 -19.56
N ALA C 43 -14.93 -8.95 -18.81
CA ALA C 43 -14.79 -10.31 -19.37
C ALA C 43 -15.81 -11.27 -18.74
N ALA C 44 -17.10 -11.01 -18.91
CA ALA C 44 -18.06 -11.70 -18.09
C ALA C 44 -19.47 -11.59 -18.62
N ARG C 45 -20.20 -12.71 -18.56
CA ARG C 45 -21.58 -12.79 -19.05
C ARG C 45 -21.53 -12.12 -20.40
N LYS C 46 -22.41 -11.18 -20.62
CA LYS C 46 -22.02 -10.20 -21.57
C LYS C 46 -22.33 -8.82 -21.01
N ARG C 47 -21.24 -8.13 -20.67
CA ARG C 47 -21.27 -6.75 -20.28
C ARG C 47 -20.40 -5.96 -21.28
N ARG C 48 -20.88 -4.77 -21.63
CA ARG C 48 -20.24 -3.89 -22.59
C ARG C 48 -19.40 -2.84 -21.85
N PRO C 49 -18.20 -2.49 -22.39
CA PRO C 49 -17.55 -3.11 -23.56
C PRO C 49 -16.56 -4.22 -23.21
N MET C 50 -16.39 -5.19 -24.10
CA MET C 50 -15.35 -6.21 -23.91
C MET C 50 -14.00 -5.58 -24.23
N PRO C 51 -12.88 -6.31 -23.99
CA PRO C 51 -11.58 -5.69 -24.04
C PRO C 51 -11.02 -5.49 -25.45
N ASP C 52 -11.58 -6.20 -26.42
CA ASP C 52 -11.32 -5.95 -27.84
C ASP C 52 -11.72 -4.50 -28.20
N GLU C 53 -12.96 -4.12 -27.90
CA GLU C 53 -13.50 -2.80 -28.16
C GLU C 53 -12.58 -1.68 -27.63
N ALA C 54 -12.23 -1.78 -26.34
CA ALA C 54 -11.42 -0.76 -25.67
C ALA C 54 -10.02 -0.60 -26.26
N ILE C 55 -9.39 -1.70 -26.69
CA ILE C 55 -8.04 -1.68 -27.30
C ILE C 55 -8.02 -0.99 -28.66
N ARG C 56 -8.93 -1.42 -29.53
CA ARG C 56 -9.23 -0.78 -30.81
C ARG C 56 -9.21 0.76 -30.70
N GLU C 57 -10.08 1.29 -29.84
CA GLU C 57 -10.21 2.73 -29.57
C GLU C 57 -8.96 3.45 -29.01
N MET C 58 -7.90 2.72 -28.71
CA MET C 58 -6.75 3.31 -28.01
C MET C 58 -5.53 3.43 -28.89
N ASN C 59 -4.83 4.56 -28.76
CA ASN C 59 -3.57 4.73 -29.48
C ASN C 59 -2.40 4.81 -28.52
N CYS C 60 -1.72 3.69 -28.31
CA CYS C 60 -0.55 3.66 -27.42
C CYS C 60 0.49 2.69 -27.95
N ASP C 61 1.76 2.97 -27.66
CA ASP C 61 2.85 2.04 -27.96
C ASP C 61 2.61 0.64 -27.40
N ILE C 62 2.18 0.59 -26.14
CA ILE C 62 2.04 -0.67 -25.42
C ILE C 62 0.81 -0.57 -24.54
N ILE C 63 -0.05 -1.58 -24.59
CA ILE C 63 -1.24 -1.55 -23.76
C ILE C 63 -1.22 -2.65 -22.73
N TYR C 64 -1.22 -2.25 -21.46
CA TYR C 64 -1.28 -3.22 -20.38
C TYR C 64 -2.74 -3.58 -20.06
N VAL C 65 -2.99 -4.87 -19.91
CA VAL C 65 -4.32 -5.39 -19.60
C VAL C 65 -4.35 -6.04 -18.21
N VAL C 66 -5.00 -5.39 -17.24
CA VAL C 66 -4.97 -5.84 -15.85
C VAL C 66 -6.27 -6.53 -15.48
N PRO C 67 -6.20 -7.81 -15.09
CA PRO C 67 -7.48 -8.40 -14.69
C PRO C 67 -7.83 -7.97 -13.25
N LEU C 68 -8.94 -7.27 -13.12
CA LEU C 68 -9.53 -6.98 -11.80
C LEU C 68 -10.28 -8.21 -11.22
N PHE C 69 -9.48 -9.20 -10.85
CA PHE C 69 -9.94 -10.49 -10.41
C PHE C 69 -8.98 -10.99 -9.38
N ILE C 70 -9.50 -11.92 -8.58
CA ILE C 70 -8.87 -12.51 -7.43
C ILE C 70 -7.93 -13.65 -7.82
N SER C 71 -8.32 -14.42 -8.86
CA SER C 71 -7.64 -15.69 -9.12
C SER C 71 -7.43 -15.96 -10.64
N TYR C 72 -6.52 -16.86 -10.95
CA TYR C 72 -6.37 -17.36 -12.35
C TYR C 72 -7.47 -18.40 -12.42
N GLY C 73 -8.67 -17.96 -12.76
CA GLY C 73 -9.82 -18.86 -12.81
C GLY C 73 -10.37 -18.80 -14.21
N LEU C 74 -11.63 -19.18 -14.38
CA LEU C 74 -12.27 -19.25 -15.70
C LEU C 74 -12.15 -17.98 -16.49
N HIS C 75 -12.75 -16.93 -15.95
CA HIS C 75 -12.75 -15.64 -16.60
C HIS C 75 -11.36 -15.21 -17.05
N VAL C 76 -10.31 -15.55 -16.29
CA VAL C 76 -8.98 -15.03 -16.59
C VAL C 76 -8.11 -15.96 -17.43
N THR C 77 -8.17 -17.26 -17.13
CA THR C 77 -7.36 -18.24 -17.87
C THR C 77 -7.97 -18.52 -19.26
N GLU C 78 -9.25 -18.22 -19.41
CA GLU C 78 -9.98 -18.49 -20.66
C GLU C 78 -10.65 -17.27 -21.34
N ASP C 79 -11.71 -16.74 -20.71
CA ASP C 79 -12.55 -15.72 -21.34
C ASP C 79 -11.77 -14.48 -21.73
N LEU C 80 -10.87 -14.02 -20.86
CA LEU C 80 -10.00 -12.89 -21.20
C LEU C 80 -9.08 -13.19 -22.41
N PRO C 81 -8.10 -14.12 -22.28
CA PRO C 81 -7.18 -14.25 -23.40
C PRO C 81 -7.78 -15.02 -24.58
N ASP C 82 -9.03 -15.48 -24.44
CA ASP C 82 -9.75 -15.95 -25.61
C ASP C 82 -10.14 -14.74 -26.49
N LEU C 83 -10.89 -13.81 -25.92
CA LEU C 83 -11.37 -12.60 -26.63
C LEU C 83 -10.31 -11.74 -27.34
N LEU C 84 -9.02 -12.00 -27.09
CA LEU C 84 -7.92 -11.23 -27.69
C LEU C 84 -7.02 -12.17 -28.51
N GLY C 85 -7.40 -13.44 -28.54
CA GLY C 85 -6.72 -14.43 -29.36
C GLY C 85 -5.32 -14.64 -28.81
N PHE C 86 -5.27 -14.92 -27.52
CA PHE C 86 -4.04 -15.11 -26.79
C PHE C 86 -4.01 -16.50 -26.15
N PRO C 87 -2.80 -16.97 -25.77
CA PRO C 87 -2.67 -18.22 -25.05
C PRO C 87 -3.50 -18.26 -23.75
N ARG C 88 -4.22 -19.36 -23.53
CA ARG C 88 -5.00 -19.57 -22.34
C ARG C 88 -4.08 -19.74 -21.11
N GLY C 89 -4.66 -19.89 -19.92
CA GLY C 89 -3.86 -20.22 -18.73
C GLY C 89 -3.02 -19.09 -18.16
N ARG C 90 -1.91 -19.45 -17.52
CA ARG C 90 -1.28 -18.61 -16.50
C ARG C 90 0.00 -17.91 -16.88
N GLY C 91 0.25 -16.78 -16.23
CA GLY C 91 1.46 -16.01 -16.43
C GLY C 91 1.19 -14.74 -17.22
N ILE C 92 2.20 -13.88 -17.26
CA ILE C 92 2.25 -12.72 -18.13
C ILE C 92 2.25 -13.14 -19.61
N LYS C 93 1.47 -12.43 -20.45
CA LYS C 93 1.35 -12.74 -21.87
C LYS C 93 1.74 -11.54 -22.76
N GLU C 94 2.92 -11.59 -23.38
CA GLU C 94 3.37 -10.44 -24.20
C GLU C 94 3.11 -10.60 -25.71
N GLY C 95 1.86 -10.89 -26.07
CA GLY C 95 1.49 -11.06 -27.48
C GLY C 95 1.32 -9.75 -28.24
N GLU C 96 0.31 -9.72 -29.12
CA GLU C 96 -0.02 -8.58 -30.01
C GLU C 96 -1.43 -8.71 -30.63
N PHE C 97 -2.14 -7.59 -30.74
CA PHE C 97 -3.54 -7.57 -31.24
C PHE C 97 -3.87 -6.33 -32.10
N GLU C 98 -4.32 -6.58 -33.34
CA GLU C 98 -4.49 -5.53 -34.38
C GLU C 98 -3.25 -4.69 -34.61
N GLY C 99 -2.11 -5.36 -34.56
CA GLY C 99 -0.80 -4.73 -34.75
C GLY C 99 -0.39 -3.84 -33.60
N LYS C 100 -1.12 -3.94 -32.48
CA LYS C 100 -0.77 -3.22 -31.25
C LYS C 100 -0.14 -4.15 -30.21
N LYS C 101 0.86 -3.64 -29.50
CA LYS C 101 1.47 -4.40 -28.41
C LYS C 101 0.54 -4.34 -27.20
N VAL C 102 0.33 -5.50 -26.57
CA VAL C 102 -0.64 -5.66 -25.50
C VAL C 102 -0.07 -6.69 -24.57
N VAL C 103 0.05 -6.34 -23.28
CA VAL C 103 0.54 -7.26 -22.25
C VAL C 103 -0.64 -7.59 -21.34
N ILE C 104 -0.94 -8.88 -21.16
CA ILE C 104 -2.00 -9.28 -20.21
C ILE C 104 -1.31 -9.61 -18.90
N CYS C 105 -1.49 -8.73 -17.91
CA CYS C 105 -0.77 -8.84 -16.65
C CYS C 105 -1.48 -9.88 -15.77
N GLU C 106 -0.91 -10.19 -14.59
CA GLU C 106 -1.52 -11.12 -13.66
C GLU C 106 -2.72 -10.48 -12.97
N PRO C 107 -3.71 -11.32 -12.55
CA PRO C 107 -4.85 -10.80 -11.78
C PRO C 107 -4.32 -10.19 -10.46
N ILE C 108 -5.08 -9.31 -9.80
CA ILE C 108 -4.54 -8.57 -8.63
C ILE C 108 -4.51 -9.42 -7.33
N GLY C 109 -5.13 -10.58 -7.40
CA GLY C 109 -5.43 -11.46 -6.24
C GLY C 109 -4.34 -11.73 -5.21
N GLU C 110 -3.10 -11.99 -5.66
CA GLU C 110 -2.07 -12.43 -4.72
C GLU C 110 -1.30 -11.28 -4.08
N ASP C 111 -1.62 -10.04 -4.47
CA ASP C 111 -0.78 -8.91 -4.15
C ASP C 111 -0.92 -8.54 -2.66
N TYR C 112 0.21 -8.14 -2.05
CA TYR C 112 0.19 -7.56 -0.70
C TYR C 112 -0.86 -6.51 -0.52
N PHE C 113 -1.11 -5.73 -1.58
CA PHE C 113 -2.06 -4.64 -1.59
C PHE C 113 -3.49 -5.11 -1.29
N VAL C 114 -3.83 -6.31 -1.76
CA VAL C 114 -5.09 -7.01 -1.52
C VAL C 114 -5.16 -7.48 -0.09
N THR C 115 -4.03 -8.00 0.44
CA THR C 115 -3.99 -8.38 1.82
C THR C 115 -4.27 -7.12 2.71
N TYR C 116 -3.65 -5.97 2.37
CA TYR C 116 -3.97 -4.72 3.08
C TYR C 116 -5.41 -4.20 2.87
N ALA C 117 -6.00 -4.44 1.70
CA ALA C 117 -7.39 -4.03 1.44
C ALA C 117 -8.32 -4.81 2.31
N ILE C 118 -7.99 -6.07 2.48
CA ILE C 118 -8.68 -6.94 3.49
C ILE C 118 -8.59 -6.34 4.93
N LEU C 119 -7.36 -6.07 5.34
CA LEU C 119 -7.17 -5.35 6.59
C LEU C 119 -7.93 -4.07 6.68
N ASN C 120 -7.91 -3.25 5.62
CA ASN C 120 -8.43 -1.90 5.68
C ASN C 120 -9.96 -1.83 5.71
N SER C 121 -10.58 -2.89 5.26
CA SER C 121 -12.01 -3.09 5.39
C SER C 121 -12.40 -3.22 6.87
N VAL C 122 -11.49 -3.67 7.74
CA VAL C 122 -11.68 -3.52 9.19
C VAL C 122 -11.24 -2.17 9.74
N PHE C 123 -10.00 -1.84 9.45
CA PHE C 123 -9.33 -0.65 10.07
C PHE C 123 -9.88 0.70 9.54
N ARG C 124 -10.27 0.66 8.26
CA ARG C 124 -10.90 1.75 7.58
C ARG C 124 -10.07 3.03 7.62
N ILE C 125 -8.77 2.90 7.48
CA ILE C 125 -7.93 4.09 7.40
C ILE C 125 -8.16 4.80 6.05
N GLY C 126 -8.34 6.13 6.08
CA GLY C 126 -8.56 6.98 4.88
C GLY C 126 -10.02 7.24 4.51
N MET D 2 -11.67 -8.29 24.98
CA MET D 2 -11.90 -8.63 23.55
C MET D 2 -10.83 -9.59 23.01
N ARG D 3 -11.26 -10.72 22.44
CA ARG D 3 -10.48 -11.41 21.39
C ARG D 3 -11.24 -11.05 20.12
N ARG D 4 -10.52 -10.66 19.08
CA ARG D 4 -11.14 -10.26 17.85
C ARG D 4 -10.68 -11.22 16.81
N GLY D 5 -11.59 -11.64 15.94
CA GLY D 5 -11.27 -12.60 14.86
C GLY D 5 -11.60 -11.98 13.54
N LEU D 6 -11.14 -12.63 12.48
CA LEU D 6 -11.39 -12.15 11.16
C LEU D 6 -11.83 -13.35 10.32
N VAL D 7 -12.94 -13.22 9.62
CA VAL D 7 -13.31 -14.19 8.54
C VAL D 7 -13.29 -13.49 7.20
N ILE D 8 -12.49 -14.04 6.27
CA ILE D 8 -12.38 -13.61 4.91
C ILE D 8 -13.32 -14.53 4.05
N VAL D 9 -14.24 -13.91 3.34
CA VAL D 9 -15.30 -14.61 2.61
C VAL D 9 -15.07 -14.30 1.17
N GLY D 10 -14.81 -15.31 0.36
CA GLY D 10 -14.58 -15.07 -1.06
C GLY D 10 -15.51 -15.92 -1.92
N HIS D 11 -15.36 -15.82 -3.23
CA HIS D 11 -16.31 -16.45 -4.13
C HIS D 11 -16.02 -17.94 -4.44
N GLY D 12 -14.74 -18.27 -4.45
CA GLY D 12 -14.30 -19.62 -4.78
C GLY D 12 -14.34 -19.77 -6.30
N SER D 13 -13.99 -20.95 -6.77
CA SER D 13 -13.70 -21.13 -8.19
C SER D 13 -14.00 -22.48 -8.75
N GLN D 14 -13.43 -23.53 -8.15
CA GLN D 14 -13.43 -24.85 -8.80
C GLN D 14 -12.13 -25.17 -9.53
N LEU D 15 -11.52 -24.17 -10.18
CA LEU D 15 -10.09 -24.21 -10.47
C LEU D 15 -9.38 -24.11 -9.14
N ASN D 16 -8.09 -24.42 -9.09
CA ASN D 16 -7.44 -24.47 -7.79
C ASN D 16 -6.98 -23.15 -7.18
N HIS D 17 -6.72 -22.17 -8.04
CA HIS D 17 -6.01 -20.99 -7.64
C HIS D 17 -6.75 -20.17 -6.54
N TYR D 18 -8.06 -19.92 -6.75
CA TYR D 18 -8.85 -19.14 -5.81
C TYR D 18 -8.67 -19.52 -4.33
N ARG D 19 -8.92 -20.79 -3.98
CA ARG D 19 -8.75 -21.22 -2.60
C ARG D 19 -7.33 -20.99 -2.12
N GLU D 20 -6.37 -21.15 -3.02
CA GLU D 20 -4.99 -21.01 -2.62
C GLU D 20 -4.64 -19.52 -2.29
N VAL D 21 -5.31 -18.57 -2.96
CA VAL D 21 -5.22 -17.11 -2.68
C VAL D 21 -5.84 -16.77 -1.30
N MET D 22 -7.06 -17.22 -1.06
CA MET D 22 -7.68 -17.06 0.28
C MET D 22 -6.72 -17.59 1.32
N GLU D 23 -6.13 -18.76 1.05
CA GLU D 23 -5.19 -19.37 2.00
C GLU D 23 -3.95 -18.51 2.22
N LEU D 24 -3.42 -17.96 1.14
CA LEU D 24 -2.25 -17.13 1.25
C LEU D 24 -2.59 -15.89 2.12
N HIS D 25 -3.69 -15.22 1.79
CA HIS D 25 -4.16 -14.08 2.59
C HIS D 25 -4.38 -14.45 4.03
N ARG D 26 -5.02 -15.59 4.31
CA ARG D 26 -5.24 -16.00 5.74
C ARG D 26 -3.90 -16.23 6.47
N LYS D 27 -2.93 -16.79 5.76
CA LYS D 27 -1.67 -17.02 6.37
C LYS D 27 -0.97 -15.69 6.64
N ARG D 28 -0.94 -14.78 5.67
CA ARG D 28 -0.26 -13.52 5.89
C ARG D 28 -0.85 -12.83 7.12
N ILE D 29 -2.19 -12.84 7.26
CA ILE D 29 -2.82 -12.09 8.37
C ILE D 29 -2.75 -12.83 9.71
N GLU D 30 -2.82 -14.16 9.63
CA GLU D 30 -2.44 -14.98 10.77
C GLU D 30 -1.04 -14.59 11.28
N GLU D 31 -0.01 -14.52 10.42
CA GLU D 31 1.34 -14.13 10.94
C GLU D 31 1.42 -12.73 11.53
N SER D 32 0.63 -11.81 11.03
CA SER D 32 0.67 -10.41 11.42
C SER D 32 0.44 -10.16 12.89
N GLY D 33 -0.28 -11.10 13.52
CA GLY D 33 -0.77 -10.91 14.86
C GLY D 33 -1.80 -9.82 15.00
N ALA D 34 -2.34 -9.25 13.91
CA ALA D 34 -3.39 -8.23 14.05
C ALA D 34 -4.69 -8.79 14.66
N PHE D 35 -5.02 -10.04 14.36
CA PHE D 35 -6.19 -10.67 14.98
C PHE D 35 -5.82 -11.86 15.87
N ASP D 36 -6.72 -12.21 16.78
CA ASP D 36 -6.53 -13.44 17.58
C ASP D 36 -6.81 -14.71 16.76
N GLU D 37 -7.70 -14.67 15.79
CA GLU D 37 -7.96 -15.84 14.92
C GLU D 37 -8.35 -15.36 13.54
N VAL D 38 -7.92 -16.09 12.52
CA VAL D 38 -8.28 -15.74 11.16
C VAL D 38 -8.74 -17.01 10.48
N LYS D 39 -9.89 -16.97 9.82
CA LYS D 39 -10.44 -18.15 9.14
C LYS D 39 -11.01 -17.65 7.81
N ILE D 40 -11.26 -18.60 6.91
CA ILE D 40 -11.71 -18.31 5.60
C ILE D 40 -13.09 -18.97 5.40
N ALA D 41 -13.90 -18.45 4.47
CA ALA D 41 -15.19 -19.03 4.10
C ALA D 41 -15.51 -18.55 2.70
N PHE D 42 -16.64 -19.05 2.16
CA PHE D 42 -17.20 -18.71 0.85
C PHE D 42 -18.68 -18.32 0.91
N ALA D 43 -19.10 -17.47 -0.05
CA ALA D 43 -20.51 -17.05 -0.18
C ALA D 43 -21.17 -17.61 -1.46
N ALA D 44 -22.50 -17.51 -1.53
CA ALA D 44 -23.41 -18.42 -2.30
C ALA D 44 -23.18 -19.96 -2.25
N ARG D 45 -22.81 -20.56 -3.42
CA ARG D 45 -23.11 -21.99 -3.82
C ARG D 45 -23.49 -22.94 -2.67
N LYS D 46 -22.46 -23.22 -1.89
CA LYS D 46 -22.53 -24.11 -0.75
C LYS D 46 -21.11 -24.58 -0.60
N ARG D 47 -20.18 -23.79 -1.13
CA ARG D 47 -18.78 -24.05 -0.88
C ARG D 47 -18.55 -23.99 0.61
N ARG D 48 -17.55 -24.71 1.08
CA ARG D 48 -17.33 -24.87 2.50
C ARG D 48 -15.91 -24.48 2.84
N PRO D 49 -15.67 -23.99 4.07
CA PRO D 49 -16.76 -23.74 5.04
C PRO D 49 -17.63 -22.55 4.63
N MET D 50 -18.82 -22.54 5.21
CA MET D 50 -19.74 -21.43 5.10
C MET D 50 -19.48 -20.51 6.30
N PRO D 51 -19.86 -19.22 6.17
CA PRO D 51 -19.57 -18.21 7.20
C PRO D 51 -19.91 -18.63 8.64
N ASP D 52 -21.07 -19.25 8.83
CA ASP D 52 -21.52 -19.64 10.15
C ASP D 52 -20.69 -20.79 10.80
N GLU D 53 -20.25 -21.76 10.00
CA GLU D 53 -19.32 -22.78 10.49
C GLU D 53 -17.99 -22.21 11.03
N ALA D 54 -17.35 -21.30 10.26
CA ALA D 54 -16.10 -20.64 10.67
C ALA D 54 -16.31 -19.84 11.96
N ILE D 55 -17.39 -19.06 12.00
CA ILE D 55 -17.77 -18.32 13.22
C ILE D 55 -17.94 -19.22 14.45
N ARG D 56 -18.70 -20.28 14.29
CA ARG D 56 -18.91 -21.28 15.34
C ARG D 56 -17.59 -21.85 15.91
N GLU D 57 -16.59 -22.04 15.06
CA GLU D 57 -15.28 -22.53 15.47
C GLU D 57 -14.42 -21.53 16.24
N MET D 58 -14.70 -20.23 16.13
CA MET D 58 -13.81 -19.20 16.72
C MET D 58 -14.23 -18.74 18.11
N ASN D 59 -13.29 -18.66 19.05
CA ASN D 59 -13.63 -18.14 20.37
C ASN D 59 -13.12 -16.73 20.35
N CYS D 60 -13.90 -15.81 19.81
CA CYS D 60 -13.63 -14.38 19.94
C CYS D 60 -14.96 -13.75 20.21
N ASP D 61 -14.92 -12.61 20.87
CA ASP D 61 -16.08 -11.88 21.26
C ASP D 61 -16.59 -11.03 20.09
N ILE D 62 -15.69 -10.63 19.19
CA ILE D 62 -16.09 -9.85 18.05
C ILE D 62 -15.35 -10.42 16.82
N ILE D 63 -16.12 -10.62 15.77
CA ILE D 63 -15.60 -11.20 14.53
C ILE D 63 -16.03 -10.32 13.38
N TYR D 64 -15.01 -9.84 12.63
CA TYR D 64 -15.18 -9.02 11.42
C TYR D 64 -15.23 -9.94 10.20
N VAL D 65 -16.29 -9.85 9.39
CA VAL D 65 -16.38 -10.71 8.17
C VAL D 65 -16.12 -9.79 6.98
N VAL D 66 -14.98 -9.93 6.34
CA VAL D 66 -14.63 -9.05 5.23
C VAL D 66 -14.94 -9.80 3.93
N PRO D 67 -15.77 -9.20 3.06
CA PRO D 67 -15.99 -9.82 1.72
C PRO D 67 -14.82 -9.60 0.76
N LEU D 68 -14.12 -10.69 0.39
CA LEU D 68 -13.13 -10.58 -0.67
C LEU D 68 -13.87 -10.42 -2.00
N PHE D 69 -14.60 -9.32 -2.11
CA PHE D 69 -15.24 -8.96 -3.38
C PHE D 69 -14.94 -7.56 -3.77
N ILE D 70 -15.15 -7.29 -5.06
CA ILE D 70 -15.02 -5.95 -5.62
C ILE D 70 -16.21 -5.02 -5.37
N SER D 71 -17.43 -5.57 -5.37
CA SER D 71 -18.55 -4.65 -5.30
C SER D 71 -19.68 -5.17 -4.45
N TYR D 72 -20.65 -4.29 -4.28
CA TYR D 72 -21.90 -4.64 -3.71
C TYR D 72 -22.77 -5.29 -4.79
N GLY D 73 -22.39 -6.48 -5.24
CA GLY D 73 -23.26 -7.24 -6.12
C GLY D 73 -24.14 -8.21 -5.32
N LEU D 74 -24.56 -9.29 -5.96
CA LEU D 74 -25.58 -10.14 -5.39
C LEU D 74 -24.97 -11.01 -4.31
N HIS D 75 -23.71 -11.42 -4.51
CA HIS D 75 -23.06 -12.26 -3.54
C HIS D 75 -22.89 -11.47 -2.27
N VAL D 76 -22.52 -10.21 -2.39
CA VAL D 76 -22.22 -9.42 -1.16
C VAL D 76 -23.51 -8.89 -0.53
N THR D 77 -24.49 -8.56 -1.36
CA THR D 77 -25.71 -7.94 -0.90
C THR D 77 -26.83 -8.91 -0.58
N GLU D 78 -26.80 -10.08 -1.22
CA GLU D 78 -27.76 -11.15 -0.97
C GLU D 78 -27.23 -12.44 -0.31
N ASP D 79 -26.29 -13.13 -0.96
CA ASP D 79 -25.77 -14.38 -0.45
C ASP D 79 -25.12 -14.38 0.94
N LEU D 80 -24.21 -13.42 1.19
CA LEU D 80 -23.50 -13.37 2.47
C LEU D 80 -24.46 -12.95 3.61
N PRO D 81 -25.24 -11.88 3.39
CA PRO D 81 -26.27 -11.57 4.39
C PRO D 81 -27.14 -12.78 4.68
N ASP D 82 -27.79 -13.38 3.68
CA ASP D 82 -28.55 -14.64 3.92
C ASP D 82 -27.80 -15.67 4.76
N LEU D 83 -26.49 -15.88 4.48
CA LEU D 83 -25.73 -16.94 5.12
C LEU D 83 -25.53 -16.63 6.63
N LEU D 84 -25.78 -15.39 7.01
CA LEU D 84 -25.64 -15.07 8.42
C LEU D 84 -26.92 -14.57 9.09
N GLY D 85 -28.07 -14.61 8.42
CA GLY D 85 -29.31 -14.10 8.96
C GLY D 85 -29.37 -12.59 9.18
N PHE D 86 -28.63 -11.85 8.36
CA PHE D 86 -28.51 -10.38 8.38
C PHE D 86 -29.38 -9.86 7.24
N PRO D 87 -29.83 -8.60 7.31
CA PRO D 87 -30.65 -7.94 6.22
C PRO D 87 -29.89 -7.86 4.87
N ARG D 88 -30.54 -8.24 3.76
CA ARG D 88 -29.94 -8.06 2.44
C ARG D 88 -29.77 -6.58 2.10
N GLY D 89 -28.63 -6.29 1.45
CA GLY D 89 -28.35 -5.00 0.87
C GLY D 89 -26.90 -4.54 1.07
N ARG D 90 -26.65 -3.27 0.88
CA ARG D 90 -25.32 -2.65 0.93
C ARG D 90 -24.95 -2.25 2.34
N GLY D 91 -23.68 -1.92 2.59
CA GLY D 91 -23.33 -1.26 3.89
C GLY D 91 -22.72 -2.21 4.89
N ILE D 92 -21.93 -1.69 5.82
CA ILE D 92 -21.48 -2.42 6.98
C ILE D 92 -22.69 -2.81 7.82
N LYS D 93 -22.74 -4.07 8.31
CA LYS D 93 -23.85 -4.57 9.08
C LYS D 93 -23.42 -5.19 10.45
N GLU D 94 -23.96 -4.74 11.56
CA GLU D 94 -23.55 -5.33 12.85
C GLU D 94 -24.68 -6.14 13.45
N GLY D 95 -24.36 -7.25 14.08
CA GLY D 95 -25.36 -8.01 14.83
C GLY D 95 -24.80 -9.18 15.60
N GLU D 96 -25.66 -9.80 16.40
CA GLU D 96 -25.30 -10.97 17.19
C GLU D 96 -25.50 -12.32 16.52
N PHE D 97 -24.42 -13.09 16.45
CA PHE D 97 -24.48 -14.46 16.01
C PHE D 97 -23.87 -15.34 17.12
N GLU D 98 -24.73 -16.14 17.75
CA GLU D 98 -24.32 -17.08 18.79
C GLU D 98 -23.63 -16.43 19.97
N GLY D 99 -24.13 -15.30 20.40
CA GLY D 99 -23.47 -14.66 21.53
C GLY D 99 -22.22 -13.92 21.09
N LYS D 100 -21.99 -13.78 19.79
CA LYS D 100 -20.82 -13.04 19.30
C LYS D 100 -21.30 -11.84 18.51
N LYS D 101 -20.63 -10.72 18.73
CA LYS D 101 -20.67 -9.60 17.83
C LYS D 101 -20.03 -9.95 16.48
N VAL D 102 -20.84 -9.82 15.42
CA VAL D 102 -20.44 -10.05 14.03
C VAL D 102 -20.60 -8.74 13.18
N VAL D 103 -19.53 -8.27 12.56
CA VAL D 103 -19.58 -7.10 11.66
C VAL D 103 -19.25 -7.57 10.28
N ILE D 104 -20.22 -7.44 9.37
CA ILE D 104 -19.96 -7.74 7.96
C ILE D 104 -19.44 -6.44 7.38
N CYS D 105 -18.16 -6.45 6.99
CA CYS D 105 -17.50 -5.23 6.51
C CYS D 105 -17.78 -4.90 5.01
N GLU D 106 -17.31 -3.76 4.52
CA GLU D 106 -17.53 -3.41 3.14
C GLU D 106 -16.65 -4.32 2.27
N PRO D 107 -17.09 -4.61 1.05
CA PRO D 107 -16.24 -5.33 0.06
C PRO D 107 -14.99 -4.50 -0.26
N ILE D 108 -13.95 -5.06 -0.84
CA ILE D 108 -12.67 -4.34 -0.84
C ILE D 108 -12.58 -3.35 -2.03
N GLY D 109 -13.51 -3.48 -2.98
CA GLY D 109 -13.40 -2.82 -4.28
C GLY D 109 -13.03 -1.36 -4.39
N GLU D 110 -13.71 -0.49 -3.64
CA GLU D 110 -13.43 0.92 -3.64
C GLU D 110 -12.11 1.38 -2.96
N ASP D 111 -11.45 0.47 -2.23
CA ASP D 111 -10.32 0.86 -1.41
C ASP D 111 -9.17 1.36 -2.23
N TYR D 112 -8.53 2.46 -1.81
CA TYR D 112 -7.30 2.86 -2.51
C TYR D 112 -6.29 1.74 -2.76
N PHE D 113 -6.22 0.76 -1.81
CA PHE D 113 -5.34 -0.42 -1.96
C PHE D 113 -5.63 -1.23 -3.24
N VAL D 114 -6.88 -1.28 -3.69
CA VAL D 114 -7.24 -2.03 -4.92
C VAL D 114 -6.77 -1.21 -6.12
N THR D 115 -6.88 0.09 -5.99
CA THR D 115 -6.39 1.03 -7.01
C THR D 115 -4.89 0.78 -7.15
N TYR D 116 -4.21 0.69 -6.01
CA TYR D 116 -2.79 0.33 -6.12
C TYR D 116 -2.43 -1.09 -6.53
N ALA D 117 -3.28 -2.08 -6.23
CA ALA D 117 -3.09 -3.42 -6.78
C ALA D 117 -3.16 -3.45 -8.32
N ILE D 118 -4.14 -2.80 -8.86
CA ILE D 118 -4.22 -2.55 -10.30
C ILE D 118 -2.90 -1.98 -10.82
N LEU D 119 -2.46 -0.86 -10.22
CA LEU D 119 -1.21 -0.25 -10.65
C LEU D 119 -0.13 -1.23 -10.47
N ASN D 120 -0.08 -1.92 -9.32
CA ASN D 120 0.99 -2.85 -9.12
C ASN D 120 1.02 -4.06 -10.08
N SER D 121 -0.11 -4.42 -10.68
CA SER D 121 -0.14 -5.55 -11.64
C SER D 121 0.79 -5.24 -12.82
N VAL D 122 0.91 -3.95 -13.19
CA VAL D 122 1.87 -3.49 -14.17
C VAL D 122 3.28 -3.29 -13.62
N PHE D 123 3.40 -2.51 -12.53
CA PHE D 123 4.69 -2.17 -11.94
C PHE D 123 5.46 -3.35 -11.36
N ARG D 124 4.75 -4.24 -10.68
CA ARG D 124 5.32 -5.52 -10.27
C ARG D 124 6.42 -5.37 -9.23
N ILE D 125 6.37 -4.26 -8.48
CA ILE D 125 7.14 -4.07 -7.24
C ILE D 125 6.76 -5.13 -6.20
N GLY D 126 7.74 -5.86 -5.72
CA GLY D 126 7.44 -6.99 -4.82
C GLY D 126 6.95 -8.20 -5.61
CHA SIR E . 22.41 12.11 11.31
CHA SIR E . 18.33 17.52 11.57
CHB SIR E . 22.84 16.63 12.18
CHB SIR E . 22.81 16.60 12.35
CHC SIR E . 18.26 17.34 11.88
CHC SIR E . 22.43 12.23 11.26
CHD SIR E . 17.87 13.03 9.71
CHD SIR E . 17.82 12.98 9.84
NA SIR E . 22.12 14.42 11.84
NA SIR E . 20.49 16.63 11.98
C1A SIR E . 22.86 13.31 11.70
C1A SIR E . 19.55 17.59 12.10
C2A SIR E . 24.32 13.54 12.06
C2A SIR E . 20.00 18.85 12.84
CMA SIR E . 24.95 12.34 12.76
CMA SIR E . 19.69 20.11 12.00
CDA SIR E . 25.13 13.88 10.81
CDA SIR E . 19.41 19.12 14.20
CEA SIR E . 24.97 12.88 9.66
CEA SIR E . 18.08 18.46 14.48
O4A SIR E . 24.27 13.17 8.66
O4A SIR E . 17.04 19.11 14.48
O3A SIR E . 25.52 11.77 9.71
O3A SIR E . 18.10 17.27 14.75
CAA SIR E . 23.94 14.40 14.46
CAA SIR E . 22.41 19.69 12.42
CBA SIR E . 23.34 15.56 15.29
CBA SIR E . 23.59 20.01 13.35
CCA SIR E . 21.83 15.44 15.60
CCA SIR E . 24.61 21.03 12.85
O1A SIR E . 21.36 16.09 16.57
O1A SIR E . 25.35 20.74 11.85
O2A SIR E . 21.08 14.71 14.89
O2A SIR E . 24.74 22.12 13.47
C4A SIR E . 22.97 15.32 12.34
C4A SIR E . 21.64 17.22 12.39
NB SIR E . 20.49 16.53 11.96
NB SIR E . 22.00 14.45 12.06
C2B SIR E . 21.48 18.65 12.47
C2B SIR E . 23.51 14.65 13.82
CMB SIR E . 22.29 19.02 13.72
CMB SIR E . 24.82 15.36 14.15
CDB SIR E . 21.92 19.48 11.27
CDB SIR E . 22.58 14.60 15.10
CEB SIR E . 23.40 19.58 11.53
CEB SIR E . 21.10 15.08 15.08
O3B SIR E . 24.19 19.09 10.68
O3B SIR E . 20.63 15.90 15.95
O4B SIR E . 23.75 20.09 12.63
O4B SIR E . 20.28 14.64 14.23
CAB SIR E . 19.89 18.81 14.27
CAB SIR E . 25.04 13.13 12.22
CBB SIR E . 18.63 19.58 14.66
CBB SIR E . 24.98 13.75 10.80
CCB SIR E . 17.55 18.55 14.61
CCB SIR E . 24.96 12.80 9.58
O1B SIR E . 16.38 18.88 14.82
O1B SIR E . 24.29 13.07 8.57
O2B SIR E . 17.90 17.38 14.34
O2B SIR E . 25.60 11.75 9.53
C4B SIR E . 19.54 17.45 12.19
C4B SIR E . 22.67 13.29 12.06
NC SIR E . 18.47 15.11 10.90
NC SIR E . 20.16 12.99 10.71
C1C SIR E . 17.73 16.21 11.12
C1C SIR E . 21.08 12.00 10.67
C2C SIR E . 16.43 16.22 10.64
C2C SIR E . 20.69 10.82 10.07
CDC SIR E . 15.37 17.29 10.77
CDC SIR E . 21.48 9.56 9.81
CEC SIR E . 15.34 18.33 9.67
CEC SIR E . 21.70 8.51 10.90
O3C SIR E . 15.86 18.10 8.55
O3C SIR E . 22.76 7.84 10.77
O4C SIR E . 14.80 19.40 9.93
O4C SIR E . 20.87 8.39 11.85
C3C SIR E . 16.30 14.99 10.04
C3C SIR E . 19.39 11.06 9.69
CAC SIR E . 15.02 14.58 9.34
CAC SIR E . 18.43 10.13 8.93
CBC SIR E . 14.95 13.13 8.92
CBC SIR E . 17.83 9.07 9.82
CCC SIR E . 13.73 13.01 8.02
CCC SIR E . 16.76 8.29 9.07
O1C SIR E . 13.63 11.96 7.34
O1C SIR E . 15.64 8.75 8.70
O2C SIR E . 12.90 13.95 7.96
O2C SIR E . 17.04 7.13 8.85
C4C SIR E . 17.55 14.38 10.20
C4C SIR E . 19.13 12.35 10.10
ND SIR E . 20.17 12.94 10.69
ND SIR E . 18.46 15.18 10.82
C1D SIR E . 19.15 12.35 10.01
C1D SIR E . 17.53 14.38 10.20
C2D SIR E . 19.40 11.06 9.60
C2D SIR E . 16.27 14.99 10.00
CAD SIR E . 18.47 10.15 8.81
CAD SIR E . 14.96 14.60 9.31
CBD SIR E . 17.72 9.18 9.72
CBD SIR E . 14.47 13.18 9.28
CCD SIR E . 16.80 8.30 8.90
CCD SIR E . 13.43 13.01 8.16
O1D SIR E . 15.67 8.73 8.55
O1D SIR E . 12.65 13.93 7.80
O2D SIR E . 17.20 7.18 8.58
O2D SIR E . 13.42 11.91 7.59
C3D SIR E . 20.67 10.77 10.04
C3D SIR E . 16.46 16.27 10.47
CDD SIR E . 21.43 9.48 9.80
CDD SIR E . 15.39 17.31 10.52
CED SIR E . 21.65 8.49 10.93
CED SIR E . 15.43 18.43 9.54
CO SIR E . 20.31 14.74 11.43
CO SIR E . 20.29 14.83 11.41
C3B SIR E . 20.02 18.74 12.76
C3B SIR E . 23.76 13.31 13.07
O4D SIR E . 22.68 7.79 10.83
O4D SIR E . 14.88 19.45 9.91
C1B SIR E . 21.64 17.18 12.17
C1B SIR E . 22.77 15.32 12.70
O3D SIR E . 20.83 8.39 11.89
O3D SIR E . 15.98 18.30 8.44
C3A SIR E . 24.19 14.74 12.98
C3A SIR E . 21.50 18.60 13.01
C4D SIR E . 21.08 11.94 10.67
C4D SIR E . 17.76 16.32 10.96
CHA SIR F . -17.60 -17.77 -12.18
CHA SIR F . -22.12 -13.13 -10.94
CHB SIR F . -21.92 -16.77 -13.30
CHB SIR F . -22.11 -17.56 -12.47
CHC SIR F . -22.11 -13.19 -10.83
CHC SIR F . -17.52 -17.87 -11.83
CHD SIR F . -17.60 -13.91 -9.28
CHD SIR F . -17.54 -13.70 -9.40
NA SIR F . -19.86 -17.08 -12.26
NA SIR F . -21.72 -15.45 -11.46
C1A SIR F . -18.88 -17.99 -12.38
C1A SIR F . -22.51 -14.36 -11.29
C2A SIR F . -19.39 -19.32 -12.85
C2A SIR F . -24.00 -14.66 -11.54
CMA SIR F . -18.39 -19.94 -13.84
CMA SIR F . -24.83 -14.40 -10.28
CDA SIR F . -19.62 -20.24 -11.65
CDA SIR F . -24.59 -13.87 -12.71
CEA SIR F . -18.00 -20.67 -11.17
CEA SIR F . -23.88 -12.57 -12.92
O4A SIR F . -17.15 -20.63 -12.10
O4A SIR F . -24.40 -11.53 -12.43
O3A SIR F . -18.07 -21.25 -9.96
O3A SIR F . -22.83 -12.57 -13.55
CAA SIR F . -20.52 -18.93 -15.06
CAA SIR F . -24.86 -16.98 -11.07
CBA SIR F . -19.41 -17.95 -15.50
CBA SIR F . -25.00 -18.42 -11.60
CCA SIR F . -18.22 -18.71 -16.06
CCA SIR F . -25.60 -18.46 -12.99
O1A SIR F . -17.11 -18.64 -15.46
O1A SIR F . -26.07 -19.54 -13.43
O2A SIR F . -18.38 -19.37 -17.12
O2A SIR F . -25.62 -17.42 -13.66
C4A SIR F . -20.86 -17.52 -13.03
C4A SIR F . -22.52 -16.42 -11.95
NB SIR F . -21.65 -15.35 -11.51
NB SIR F . -19.83 -17.30 -11.91
C2B SIR F . -23.84 -16.16 -11.76
C2B SIR F . -20.55 -19.43 -12.77
CMB SIR F . -24.80 -15.83 -12.90
CMB SIR F . -21.11 -20.45 -11.77
CDB SIR F . -24.16 -17.52 -11.14
CDB SIR F . -21.06 -19.58 -14.19
CEB SIR F . -24.74 -17.32 -9.76
CEB SIR F . -20.44 -18.37 -14.82
O3B SIR F . -24.87 -16.14 -9.33
O3B SIR F . -19.55 -18.53 -15.71
O4B SIR F . -25.06 -18.34 -9.10
O4B SIR F . -20.79 -17.25 -14.37
CAB SIR F . -24.90 -14.00 -11.01
CAB SIR F . -18.36 -20.52 -12.10
CBB SIR F . -25.12 -13.87 -12.52
CBB SIR F . -17.75 -20.03 -10.79
CCB SIR F . -24.33 -12.67 -13.04
CCB SIR F . -17.88 -21.12 -9.78
O1B SIR F . -24.74 -11.51 -12.75
O1B SIR F . -17.01 -21.24 -8.90
O2B SIR F . -23.31 -12.89 -13.74
O2B SIR F . -18.84 -21.90 -9.83
C4B SIR F . -22.46 -14.46 -10.98
C4B SIR F . -18.77 -18.10 -12.16
NC SIR F . -19.85 -13.87 -10.24
NC SIR F . -17.97 -15.76 -10.70
C1C SIR F . -20.83 -12.95 -10.14
C1C SIR F . -17.11 -16.73 -11.03
C2C SIR F . -20.56 -11.84 -9.35
C2C SIR F . -15.80 -16.60 -10.61
CDC SIR F . -21.44 -10.65 -9.05
CDC SIR F . -14.65 -17.55 -10.81
CEC SIR F . -22.80 -11.06 -8.49
CEC SIR F . -14.03 -17.61 -12.17
O3C SIR F . -23.76 -11.24 -9.31
O3C SIR F . -14.09 -16.68 -12.95
O4C SIR F . -22.95 -11.17 -7.25
O4C SIR F . -13.40 -18.63 -12.43
C3C SIR F . -19.26 -12.06 -8.92
C3C SIR F . -15.79 -15.43 -9.91
CAC SIR F . -18.41 -11.18 -8.03
CAC SIR F . -14.54 -14.83 -9.24
CBC SIR F . -18.81 -9.71 -8.21
CBC SIR F . -13.46 -14.56 -10.28
CCC SIR F . -18.00 -8.85 -7.27
CCC SIR F . -12.13 -14.17 -9.62
O1C SIR F . -16.75 -8.94 -7.31
O1C SIR F . -11.08 -14.83 -9.86
O2C SIR F . -18.60 -8.08 -6.49
O2C SIR F . -12.09 -13.17 -8.86
C4C SIR F . -18.91 -13.27 -9.48
C4C SIR F . -17.11 -14.96 -10.00
ND SIR F . -17.98 -15.79 -10.82
ND SIR F . -19.84 -13.79 -10.34
C1D SIR F . -17.15 -15.08 -10.02
C1D SIR F . -18.85 -13.09 -9.67
C2D SIR F . -15.85 -15.56 -9.95
C2D SIR F . -19.19 -11.77 -9.26
CAD SIR F . -14.71 -14.98 -9.14
CAD SIR F . -18.46 -10.64 -8.55
CBD SIR F . -13.48 -14.74 -10.01
CBD SIR F . -17.35 -10.93 -7.56
CCD SIR F . -12.40 -14.20 -9.09
CCD SIR F . -16.51 -9.66 -7.41
O1D SIR F . -11.24 -14.64 -9.18
O1D SIR F . -15.35 -9.72 -7.85
O2D SIR F . -12.73 -13.31 -8.27
O2D SIR F . -17.00 -8.61 -6.89
C3D SIR F . -15.84 -16.66 -10.77
C3D SIR F . -20.48 -11.62 -9.70
CDD SIR F . -14.69 -17.59 -11.08
CDD SIR F . -21.28 -10.36 -9.52
CED SIR F . -13.66 -16.87 -11.94
CED SIR F . -22.21 -10.36 -8.32
CO SIR F . -19.84 -15.54 -11.23
CO SIR F . -19.88 -15.60 -11.11
C3B SIR F . -23.82 -15.03 -10.74
C3B SIR F . -19.05 -19.39 -12.85
O4D SIR F . -13.46 -15.63 -11.75
O4D SIR F . -21.93 -11.09 -7.35
C1B SIR F . -22.41 -16.13 -12.25
C1B SIR F . -20.87 -18.02 -12.35
O3D SIR F . -13.06 -17.54 -12.81
O3D SIR F . -23.23 -9.64 -8.35
C3A SIR F . -20.68 -18.91 -13.54
C3A SIR F . -23.99 -16.10 -11.96
C4D SIR F . -17.14 -16.74 -11.25
C4D SIR F . -20.81 -12.84 -10.33
#